data_4QLI
#
_entry.id   4QLI
#
_cell.length_a   82.300
_cell.length_b   111.900
_cell.length_c   62.400
_cell.angle_alpha   90.000
_cell.angle_beta   90.000
_cell.angle_gamma   90.000
#
_symmetry.space_group_name_H-M   'C 2 2 21'
#
loop_
_entity.id
_entity.type
_entity.pdbx_description
1 polymer '14-3-3 protein sigma'
2 polymer 'Zinc finger protein SNAI1'
3 non-polymer 'MAGNESIUM ION'
4 non-polymer GLYCEROL
5 water water
#
loop_
_entity_poly.entity_id
_entity_poly.type
_entity_poly.pdbx_seq_one_letter_code
_entity_poly.pdbx_strand_id
1 'polypeptide(L)'
;GAMGSMERASLIQKAKLAEQAERYEDMAAFMKGAVEKGEELSCEERNLLSVAYKNVVGGQRAAWRVLSSIEQKSNEEGSE
EKGPEVREYREKVETELQGVCDTVLGLLDSHLIKEAGDAESRVFYLKMKGDYYRYLAEVATGDDKKRIIDSARSAYQEAM
DISKKEMPPTNPIRLGLALLFSVFHYEIANSPEEAISLAKTTFDEAMADLHTLSEDSYKDSTLIMQLLRDNLTLWT
;
A
2 'polypeptide(L)' SH(TPO)LPC B
#
loop_
_chem_comp.id
_chem_comp.type
_chem_comp.name
_chem_comp.formula
GOL non-polymer GLYCEROL 'C3 H8 O3'
MG non-polymer 'MAGNESIUM ION' 'Mg 2'
#
# COMPACT_ATOMS: atom_id res chain seq x y z
N GLY A 1 0.29 -24.30 6.05
CA GLY A 1 0.42 -23.49 4.81
C GLY A 1 1.31 -24.29 3.94
N ALA A 2 1.16 -24.11 2.63
CA ALA A 2 1.88 -24.91 1.65
C ALA A 2 3.36 -24.60 1.70
N MET A 3 3.81 -23.48 2.30
CA MET A 3 5.22 -23.19 2.39
C MET A 3 5.80 -23.64 3.70
N GLY A 4 5.06 -24.36 4.58
CA GLY A 4 5.57 -24.73 5.87
C GLY A 4 6.80 -25.64 5.82
N SER A 5 7.00 -26.42 4.75
N SER A 5 6.96 -26.41 4.73
CA SER A 5 8.17 -27.31 4.70
CA SER A 5 8.10 -27.32 4.65
C SER A 5 9.36 -26.70 4.01
C SER A 5 9.31 -26.69 4.12
N MET A 6 9.27 -25.46 3.60
CA MET A 6 10.40 -24.80 2.97
C MET A 6 11.17 -23.96 3.96
N GLU A 7 12.49 -24.02 3.89
CA GLU A 7 13.37 -23.16 4.74
C GLU A 7 13.09 -21.69 4.50
N ARG A 8 13.17 -20.91 5.58
CA ARG A 8 13.02 -19.47 5.51
C ARG A 8 13.93 -18.82 4.47
N ALA A 9 15.20 -19.25 4.42
CA ALA A 9 16.14 -18.62 3.50
C ALA A 9 15.79 -19.00 2.05
N SER A 10 15.29 -20.20 1.86
CA SER A 10 14.95 -20.63 0.49
C SER A 10 13.69 -19.95 0.04
N LEU A 11 12.75 -19.61 0.93
CA LEU A 11 11.58 -18.79 0.54
C LEU A 11 12.02 -17.42 0.14
N ILE A 12 12.94 -16.81 0.86
CA ILE A 12 13.45 -15.46 0.51
CA ILE A 12 13.37 -15.47 0.47
C ILE A 12 14.16 -15.48 -0.83
N GLN A 13 15.01 -16.51 -1.03
N GLN A 13 15.02 -16.50 -1.00
CA GLN A 13 15.70 -16.64 -2.31
CA GLN A 13 15.72 -16.68 -2.29
C GLN A 13 14.71 -16.76 -3.46
C GLN A 13 14.74 -16.80 -3.46
N LYS A 14 13.70 -17.61 -3.25
CA LYS A 14 12.70 -17.80 -4.35
C LYS A 14 11.83 -16.58 -4.50
N ALA A 15 11.58 -15.80 -3.49
CA ALA A 15 10.83 -14.54 -3.73
C ALA A 15 11.64 -13.63 -4.61
N LYS A 16 12.97 -13.57 -4.44
CA LYS A 16 13.77 -12.68 -5.29
C LYS A 16 13.83 -13.24 -6.72
N LEU A 17 13.87 -14.56 -6.89
CA LEU A 17 13.78 -15.12 -8.29
C LEU A 17 12.43 -14.80 -8.91
N ALA A 18 11.38 -14.91 -8.15
CA ALA A 18 10.02 -14.70 -8.69
C ALA A 18 9.93 -13.25 -9.07
N GLU A 19 10.48 -12.30 -8.31
CA GLU A 19 10.48 -10.89 -8.72
C GLU A 19 11.20 -10.73 -10.10
N GLN A 20 12.33 -11.38 -10.28
CA GLN A 20 13.08 -11.23 -11.55
C GLN A 20 12.23 -11.79 -12.66
N ALA A 21 11.49 -12.85 -12.42
CA ALA A 21 10.66 -13.55 -13.44
C ALA A 21 9.27 -12.88 -13.60
N GLU A 22 9.03 -11.77 -12.91
CA GLU A 22 7.76 -11.06 -13.00
C GLU A 22 6.60 -11.97 -12.59
N ARG A 23 6.84 -12.79 -11.58
CA ARG A 23 5.82 -13.71 -11.08
C ARG A 23 5.45 -13.40 -9.64
N TYR A 24 5.00 -12.17 -9.39
CA TYR A 24 4.62 -11.75 -8.05
C TYR A 24 3.51 -12.63 -7.49
N GLU A 25 2.48 -13.30 -8.00
N GLU A 25 2.47 -13.33 -7.95
CA GLU A 25 1.66 -14.19 -7.16
CA GLU A 25 1.67 -14.22 -7.06
C GLU A 25 2.60 -15.15 -6.44
C GLU A 25 2.58 -15.24 -6.39
N ASP A 26 3.54 -15.77 -7.16
CA ASP A 26 4.52 -16.64 -6.56
C ASP A 26 5.34 -15.92 -5.50
N MET A 27 5.78 -14.70 -5.83
CA MET A 27 6.58 -13.90 -4.90
C MET A 27 5.80 -13.67 -3.63
N ALA A 28 4.52 -13.32 -3.72
CA ALA A 28 3.77 -13.08 -2.51
C ALA A 28 3.55 -14.36 -1.76
N ALA A 29 3.31 -15.52 -2.37
CA ALA A 29 3.18 -16.72 -1.60
C ALA A 29 4.53 -17.10 -0.91
N PHE A 30 5.69 -16.86 -1.52
CA PHE A 30 6.96 -17.17 -0.82
C PHE A 30 7.09 -16.21 0.34
N MET A 31 6.79 -14.91 0.17
CA MET A 31 6.95 -14.01 1.29
C MET A 31 5.96 -14.30 2.39
N LYS A 32 4.72 -14.69 2.11
CA LYS A 32 3.77 -15.09 3.14
C LYS A 32 4.36 -16.26 3.95
N GLY A 33 4.93 -17.24 3.20
CA GLY A 33 5.59 -18.36 3.86
C GLY A 33 6.66 -17.91 4.76
N ALA A 34 7.50 -16.97 4.32
CA ALA A 34 8.59 -16.43 5.15
C ALA A 34 8.05 -15.73 6.40
N VAL A 35 7.02 -14.90 6.28
CA VAL A 35 6.46 -14.23 7.47
C VAL A 35 5.95 -15.28 8.41
N GLU A 36 5.30 -16.33 7.93
CA GLU A 36 4.70 -17.33 8.80
C GLU A 36 5.79 -18.18 9.50
N LYS A 37 7.07 -18.02 9.22
CA LYS A 37 8.05 -18.66 10.06
C LYS A 37 8.13 -18.03 11.42
N GLY A 38 7.58 -16.80 11.57
CA GLY A 38 7.49 -16.26 12.92
C GLY A 38 8.60 -15.34 13.30
N GLU A 39 9.67 -15.23 12.54
CA GLU A 39 10.74 -14.29 12.83
C GLU A 39 10.45 -12.94 12.24
N GLU A 40 11.01 -11.93 12.86
CA GLU A 40 10.92 -10.56 12.32
C GLU A 40 11.58 -10.51 10.93
N LEU A 41 11.14 -9.57 10.12
CA LEU A 41 11.68 -9.37 8.76
C LEU A 41 12.72 -8.26 8.78
N SER A 42 13.79 -8.46 8.06
CA SER A 42 14.73 -7.42 7.82
C SER A 42 14.23 -6.30 6.88
N CYS A 43 14.93 -5.18 6.69
CA CYS A 43 14.46 -4.20 5.81
C CYS A 43 14.27 -4.72 4.40
N GLU A 44 15.21 -5.47 3.88
CA GLU A 44 15.09 -5.94 2.50
C GLU A 44 13.91 -6.89 2.43
N GLU A 45 13.70 -7.72 3.42
CA GLU A 45 12.59 -8.69 3.40
C GLU A 45 11.25 -7.96 3.46
N ARG A 46 11.20 -6.88 4.25
CA ARG A 46 10.00 -6.06 4.35
C ARG A 46 9.64 -5.46 3.00
N ASN A 47 10.65 -5.04 2.23
CA ASN A 47 10.49 -4.51 0.86
CA ASN A 47 10.42 -4.50 0.94
C ASN A 47 10.03 -5.60 -0.04
N LEU A 48 10.51 -6.86 0.06
CA LEU A 48 10.05 -7.88 -0.83
C LEU A 48 8.58 -8.18 -0.52
N LEU A 49 8.15 -8.22 0.71
CA LEU A 49 6.73 -8.50 1.03
C LEU A 49 5.87 -7.39 0.44
N SER A 50 6.25 -6.11 0.52
CA SER A 50 5.40 -5.04 0.06
C SER A 50 5.42 -5.00 -1.45
N VAL A 51 6.51 -5.24 -2.14
CA VAL A 51 6.48 -5.20 -3.61
C VAL A 51 5.63 -6.36 -4.08
N ALA A 52 5.69 -7.55 -3.52
CA ALA A 52 4.97 -8.72 -4.00
C ALA A 52 3.51 -8.41 -3.91
N TYR A 53 2.98 -8.06 -2.74
CA TYR A 53 1.52 -7.87 -2.58
C TYR A 53 1.08 -6.65 -3.34
N LYS A 54 1.93 -5.64 -3.54
CA LYS A 54 1.47 -4.45 -4.29
CA LYS A 54 1.47 -4.45 -4.28
C LYS A 54 1.26 -4.85 -5.68
N ASN A 55 2.06 -5.65 -6.27
CA ASN A 55 1.87 -6.03 -7.67
C ASN A 55 0.70 -6.96 -7.79
N VAL A 56 0.45 -7.86 -6.85
CA VAL A 56 -0.76 -8.75 -6.93
C VAL A 56 -1.96 -7.87 -6.83
N VAL A 57 -2.09 -7.00 -5.85
CA VAL A 57 -3.33 -6.22 -5.68
CA VAL A 57 -3.36 -6.22 -5.72
C VAL A 57 -3.41 -5.21 -6.77
N GLY A 58 -2.31 -4.72 -7.33
CA GLY A 58 -2.36 -3.72 -8.39
C GLY A 58 -3.06 -4.31 -9.60
N GLY A 59 -2.82 -5.56 -9.98
CA GLY A 59 -3.47 -6.13 -11.14
C GLY A 59 -4.96 -6.25 -10.77
N GLN A 60 -5.33 -6.63 -9.56
CA GLN A 60 -6.72 -6.77 -9.18
C GLN A 60 -7.41 -5.43 -9.22
N ARG A 61 -6.79 -4.38 -8.71
CA ARG A 61 -7.43 -3.05 -8.69
C ARG A 61 -7.60 -2.53 -10.12
N ALA A 62 -6.65 -2.73 -10.99
CA ALA A 62 -6.77 -2.29 -12.39
C ALA A 62 -7.97 -3.04 -12.98
N ALA A 63 -8.10 -4.34 -12.78
CA ALA A 63 -9.22 -5.10 -13.39
C ALA A 63 -10.48 -4.65 -12.82
N TRP A 64 -10.59 -4.41 -11.50
CA TRP A 64 -11.81 -3.97 -10.86
C TRP A 64 -12.21 -2.65 -11.44
N ARG A 65 -11.28 -1.73 -11.69
CA ARG A 65 -11.67 -0.43 -12.23
CA ARG A 65 -11.69 -0.44 -12.23
C ARG A 65 -12.23 -0.59 -13.65
N VAL A 66 -11.66 -1.45 -14.46
CA VAL A 66 -12.19 -1.64 -15.85
C VAL A 66 -13.56 -2.21 -15.69
N LEU A 67 -13.82 -3.21 -14.85
CA LEU A 67 -15.13 -3.84 -14.75
C LEU A 67 -16.14 -2.95 -14.14
N SER A 68 -15.76 -2.18 -13.11
CA SER A 68 -16.67 -1.14 -12.55
CA SER A 68 -16.75 -1.26 -12.50
C SER A 68 -17.13 -0.17 -13.54
N SER A 69 -16.24 0.29 -14.39
CA SER A 69 -16.58 1.30 -15.41
C SER A 69 -17.57 0.68 -16.39
N ILE A 70 -17.39 -0.57 -16.76
CA ILE A 70 -18.33 -1.20 -17.75
C ILE A 70 -19.66 -1.36 -17.06
N GLU A 71 -19.71 -1.75 -15.79
CA GLU A 71 -20.90 -1.98 -15.06
C GLU A 71 -21.65 -0.65 -14.88
N GLN A 72 -20.95 0.43 -14.56
CA GLN A 72 -21.61 1.74 -14.38
C GLN A 72 -22.21 2.21 -15.71
N LYS A 73 -21.50 2.04 -16.81
CA LYS A 73 -22.06 2.36 -18.16
C LYS A 73 -23.32 1.54 -18.49
N SER A 74 -23.27 0.24 -18.21
CA SER A 74 -24.43 -0.64 -18.37
C SER A 74 -25.63 -0.15 -17.56
N ASN A 75 -25.40 0.67 -16.54
CA ASN A 75 -26.46 1.07 -15.64
C ASN A 75 -27.04 2.45 -15.91
N GLU A 76 -26.60 3.08 -17.00
CA GLU A 76 -27.19 4.34 -17.47
C GLU A 76 -28.50 4.13 -18.25
N GLU A 77 -29.16 5.25 -18.54
CA GLU A 77 -30.37 5.31 -19.38
C GLU A 77 -30.02 5.00 -20.85
N GLY A 78 -30.88 4.21 -21.51
CA GLY A 78 -30.74 3.91 -22.95
C GLY A 78 -29.66 2.89 -23.24
N SER A 79 -29.05 2.39 -22.17
CA SER A 79 -28.07 1.30 -22.22
C SER A 79 -28.80 -0.05 -22.31
N GLU A 80 -28.40 -0.92 -23.23
CA GLU A 80 -29.06 -2.21 -23.41
C GLU A 80 -28.79 -3.18 -22.23
N GLU A 81 -29.83 -3.86 -21.75
CA GLU A 81 -29.72 -4.84 -20.64
C GLU A 81 -28.94 -6.07 -21.10
N LYS A 82 -27.90 -6.46 -20.37
CA LYS A 82 -27.05 -7.60 -20.82
C LYS A 82 -26.97 -8.74 -19.84
N GLY A 83 -27.79 -8.63 -18.80
CA GLY A 83 -27.83 -9.69 -17.82
C GLY A 83 -26.90 -9.45 -16.64
N PRO A 84 -26.73 -10.47 -15.83
CA PRO A 84 -26.00 -10.35 -14.55
C PRO A 84 -24.49 -10.52 -14.73
N GLU A 85 -23.96 -10.73 -15.91
CA GLU A 85 -22.56 -11.23 -16.00
C GLU A 85 -21.61 -10.14 -15.63
N VAL A 86 -21.77 -8.89 -16.03
CA VAL A 86 -20.74 -7.89 -15.66
C VAL A 86 -20.73 -7.73 -14.17
N ARG A 87 -21.91 -7.67 -13.56
CA ARG A 87 -22.01 -7.59 -12.11
C ARG A 87 -21.34 -8.77 -11.42
N GLU A 88 -21.58 -9.97 -11.93
CA GLU A 88 -21.00 -11.20 -11.33
C GLU A 88 -19.47 -11.20 -11.49
N TYR A 89 -18.99 -10.83 -12.64
CA TYR A 89 -17.56 -10.93 -12.80
C TYR A 89 -16.85 -9.79 -12.01
N ARG A 90 -17.45 -8.60 -11.95
CA ARG A 90 -16.92 -7.55 -11.10
C ARG A 90 -16.83 -8.02 -9.65
N GLU A 91 -17.89 -8.68 -9.18
CA GLU A 91 -17.92 -9.24 -7.83
C GLU A 91 -16.91 -10.28 -7.63
N LYS A 92 -16.62 -11.12 -8.64
CA LYS A 92 -15.61 -12.19 -8.48
C LYS A 92 -14.22 -11.52 -8.31
N VAL A 93 -13.91 -10.55 -9.10
CA VAL A 93 -12.61 -9.85 -9.00
C VAL A 93 -12.62 -9.12 -7.64
N GLU A 94 -13.68 -8.46 -7.20
CA GLU A 94 -13.72 -7.78 -5.93
C GLU A 94 -13.48 -8.69 -4.82
N THR A 95 -14.08 -9.90 -4.80
CA THR A 95 -13.92 -10.80 -3.71
C THR A 95 -12.46 -11.32 -3.65
N GLU A 96 -11.88 -11.53 -4.79
CA GLU A 96 -10.48 -11.95 -4.86
CA GLU A 96 -10.50 -11.98 -4.77
C GLU A 96 -9.58 -10.86 -4.26
N LEU A 97 -9.81 -9.62 -4.69
CA LEU A 97 -8.99 -8.50 -4.17
CA LEU A 97 -9.07 -8.42 -4.15
C LEU A 97 -9.23 -8.39 -2.68
N GLN A 98 -10.43 -8.50 -2.14
CA GLN A 98 -10.69 -8.44 -0.72
C GLN A 98 -9.91 -9.50 -0.03
N GLY A 99 -9.84 -10.70 -0.63
CA GLY A 99 -9.14 -11.79 0.01
C GLY A 99 -7.64 -11.53 0.09
N VAL A 100 -7.05 -10.90 -0.89
CA VAL A 100 -5.60 -10.58 -0.82
C VAL A 100 -5.42 -9.50 0.27
N CYS A 101 -6.27 -8.46 0.33
CA CYS A 101 -6.11 -7.49 1.40
C CYS A 101 -6.31 -8.09 2.73
N ASP A 102 -7.26 -8.99 2.92
CA ASP A 102 -7.41 -9.67 4.20
C ASP A 102 -6.20 -10.50 4.56
N THR A 103 -5.59 -11.11 3.57
CA THR A 103 -4.38 -11.93 3.84
C THR A 103 -3.27 -10.99 4.33
N VAL A 104 -3.04 -9.87 3.66
CA VAL A 104 -1.94 -8.97 4.10
C VAL A 104 -2.26 -8.44 5.48
N LEU A 105 -3.51 -7.99 5.72
CA LEU A 105 -3.86 -7.50 7.04
C LEU A 105 -3.69 -8.52 8.08
N GLY A 106 -3.98 -9.77 7.70
CA GLY A 106 -3.83 -10.85 8.71
C GLY A 106 -2.37 -11.07 9.05
N LEU A 107 -1.44 -10.96 8.09
CA LEU A 107 -0.03 -11.08 8.40
C LEU A 107 0.42 -9.96 9.31
N LEU A 108 -0.08 -8.74 9.01
CA LEU A 108 0.34 -7.62 9.89
C LEU A 108 -0.17 -7.82 11.26
N ASP A 109 -1.35 -8.34 11.42
CA ASP A 109 -1.93 -8.55 12.74
C ASP A 109 -1.41 -9.80 13.47
N SER A 110 -0.83 -10.71 12.73
CA SER A 110 -0.36 -11.97 13.26
C SER A 110 1.03 -12.36 12.71
N HIS A 111 2.08 -11.73 13.21
CA HIS A 111 1.96 -10.69 14.23
C HIS A 111 3.04 -9.68 14.03
N LEU A 112 3.23 -9.27 12.78
CA LEU A 112 4.26 -8.36 12.38
C LEU A 112 4.23 -7.03 13.13
N ILE A 113 3.07 -6.43 13.28
CA ILE A 113 3.06 -5.10 13.91
C ILE A 113 3.40 -5.23 15.41
N LYS A 114 2.85 -6.22 16.08
CA LYS A 114 3.09 -6.27 17.52
C LYS A 114 4.56 -6.53 17.83
N GLU A 115 5.28 -7.19 16.93
CA GLU A 115 6.68 -7.50 17.16
C GLU A 115 7.60 -6.45 16.57
N ALA A 116 7.06 -5.36 16.03
CA ALA A 116 7.93 -4.32 15.46
C ALA A 116 8.15 -3.16 16.43
N GLY A 117 9.36 -3.06 16.92
CA GLY A 117 9.67 -2.00 17.95
C GLY A 117 10.50 -0.89 17.36
N ASP A 118 11.21 -1.11 16.31
CA ASP A 118 12.00 -0.01 15.79
C ASP A 118 11.14 0.87 14.95
N ALA A 119 11.43 2.16 14.81
CA ALA A 119 10.51 3.02 14.09
C ALA A 119 10.45 2.63 12.66
N GLU A 120 11.52 2.22 12.01
CA GLU A 120 11.45 1.93 10.58
C GLU A 120 10.54 0.75 10.30
N SER A 121 10.58 -0.26 11.14
N SER A 121 10.51 -0.24 11.16
CA SER A 121 9.72 -1.41 10.88
CA SER A 121 9.62 -1.38 10.90
C SER A 121 8.31 -1.02 11.23
C SER A 121 8.20 -1.08 11.32
N ARG A 122 8.02 -0.44 12.42
CA ARG A 122 6.65 -0.14 12.81
C ARG A 122 5.97 0.81 11.91
N VAL A 123 6.64 1.85 11.45
CA VAL A 123 6.05 2.77 10.46
C VAL A 123 5.79 2.03 9.15
N PHE A 124 6.73 1.20 8.68
CA PHE A 124 6.49 0.47 7.45
C PHE A 124 5.21 -0.38 7.55
N TYR A 125 5.04 -1.15 8.64
CA TYR A 125 3.89 -2.03 8.75
C TYR A 125 2.63 -1.28 8.92
N LEU A 126 2.61 -0.18 9.69
CA LEU A 126 1.38 0.58 9.82
C LEU A 126 1.05 1.27 8.52
N LYS A 127 2.02 1.74 7.74
CA LYS A 127 1.69 2.27 6.38
C LYS A 127 1.01 1.15 5.57
N MET A 128 1.57 -0.05 5.61
CA MET A 128 0.96 -1.15 4.83
CA MET A 128 0.96 -1.13 4.82
C MET A 128 -0.47 -1.38 5.34
N LYS A 129 -0.70 -1.36 6.66
CA LYS A 129 -2.04 -1.55 7.17
C LYS A 129 -2.97 -0.47 6.60
N GLY A 130 -2.53 0.79 6.56
CA GLY A 130 -3.33 1.87 5.98
C GLY A 130 -3.58 1.63 4.49
N ASP A 131 -2.57 1.19 3.76
CA ASP A 131 -2.69 0.97 2.32
C ASP A 131 -3.72 -0.13 2.04
N TYR A 132 -3.69 -1.22 2.76
CA TYR A 132 -4.57 -2.32 2.45
C TYR A 132 -6.01 -2.06 2.95
N TYR A 133 -6.19 -1.32 4.03
CA TYR A 133 -7.56 -0.85 4.30
C TYR A 133 -7.96 0.12 3.23
N ARG A 134 -7.09 0.97 2.67
CA ARG A 134 -7.45 1.90 1.64
C ARG A 134 -7.94 1.11 0.41
N TYR A 135 -7.24 0.03 0.05
CA TYR A 135 -7.76 -0.74 -1.14
C TYR A 135 -9.06 -1.40 -0.77
N LEU A 136 -9.32 -1.86 0.43
CA LEU A 136 -10.69 -2.34 0.82
C LEU A 136 -11.66 -1.19 0.66
N ALA A 137 -11.25 0.04 1.04
CA ALA A 137 -12.26 1.16 1.01
C ALA A 137 -12.56 1.48 -0.41
N GLU A 138 -11.63 1.25 -1.33
CA GLU A 138 -11.83 1.56 -2.74
C GLU A 138 -12.97 0.76 -3.37
N VAL A 139 -13.36 -0.34 -2.74
CA VAL A 139 -14.45 -1.21 -3.32
C VAL A 139 -15.59 -1.29 -2.36
N ALA A 140 -15.57 -0.67 -1.19
CA ALA A 140 -16.59 -0.83 -0.19
C ALA A 140 -17.75 0.08 -0.47
N THR A 141 -18.92 -0.46 -0.18
CA THR A 141 -20.19 0.21 -0.45
C THR A 141 -21.25 -0.15 0.58
N GLY A 142 -20.93 -0.96 1.58
CA GLY A 142 -21.88 -1.46 2.59
C GLY A 142 -21.82 -0.77 3.97
N ASP A 143 -22.44 -1.42 4.96
CA ASP A 143 -22.55 -0.87 6.34
C ASP A 143 -21.21 -0.69 7.07
N ASP A 144 -20.18 -1.42 6.64
CA ASP A 144 -18.82 -1.29 7.20
C ASP A 144 -17.89 -0.31 6.44
N LYS A 145 -18.32 0.34 5.34
CA LYS A 145 -17.49 1.26 4.60
C LYS A 145 -16.83 2.38 5.51
N LYS A 146 -17.64 3.05 6.29
CA LYS A 146 -17.09 4.01 7.26
C LYS A 146 -16.06 3.39 8.12
N ARG A 147 -16.28 2.19 8.58
CA ARG A 147 -15.38 1.62 9.54
C ARG A 147 -14.07 1.25 8.81
N ILE A 148 -14.16 0.88 7.54
CA ILE A 148 -12.95 0.49 6.79
C ILE A 148 -12.15 1.75 6.58
N ILE A 149 -12.76 2.87 6.26
CA ILE A 149 -12.08 4.13 6.10
C ILE A 149 -11.49 4.55 7.38
N ASP A 150 -12.14 4.38 8.52
CA ASP A 150 -11.53 4.78 9.72
C ASP A 150 -10.33 3.91 10.11
N SER A 151 -10.36 2.62 9.77
CA SER A 151 -9.26 1.74 10.07
C SER A 151 -8.02 2.18 9.22
N ALA A 152 -8.23 2.57 7.99
CA ALA A 152 -7.13 3.09 7.23
C ALA A 152 -6.55 4.37 7.87
N ARG A 153 -7.49 5.24 8.08
CA ARG A 153 -7.09 6.45 8.74
CA ARG A 153 -7.08 6.46 8.75
C ARG A 153 -6.19 6.40 10.11
N SER A 154 -6.78 5.47 10.90
N SER A 154 -6.65 5.50 11.01
CA SER A 154 -6.14 5.22 12.20
CA SER A 154 -6.03 5.23 12.26
C SER A 154 -4.71 4.70 11.96
C SER A 154 -4.66 4.70 12.05
N ALA A 155 -4.54 3.77 11.14
CA ALA A 155 -3.24 3.20 10.87
C ALA A 155 -2.27 4.20 10.30
N TYR A 156 -2.70 4.93 9.29
CA TYR A 156 -1.84 6.00 8.74
C TYR A 156 -1.50 7.04 9.81
N GLN A 157 -2.46 7.36 10.67
CA GLN A 157 -2.18 8.45 11.63
C GLN A 157 -1.21 7.95 12.66
N GLU A 158 -1.32 6.68 13.11
CA GLU A 158 -0.30 6.18 14.06
C GLU A 158 1.08 6.13 13.42
N ALA A 159 1.17 5.74 12.15
CA ALA A 159 2.45 5.74 11.45
C ALA A 159 3.00 7.16 11.33
N MET A 160 2.14 8.15 11.02
N MET A 160 2.11 8.11 11.05
CA MET A 160 2.64 9.55 10.89
CA MET A 160 2.49 9.51 10.91
C MET A 160 3.15 9.98 12.27
C MET A 160 3.08 10.00 12.23
N ASP A 161 2.43 9.65 13.34
CA ASP A 161 2.85 10.23 14.64
C ASP A 161 4.22 9.64 14.96
N ILE A 162 4.47 8.33 14.71
CA ILE A 162 5.79 7.78 15.00
C ILE A 162 6.83 8.34 14.08
N SER A 163 6.53 8.49 12.80
CA SER A 163 7.51 8.97 11.80
C SER A 163 7.94 10.39 12.18
N LYS A 164 7.02 11.21 12.59
CA LYS A 164 7.40 12.62 12.86
C LYS A 164 8.25 12.69 14.11
N LYS A 165 8.10 11.77 15.03
CA LYS A 165 8.93 11.77 16.27
C LYS A 165 10.28 11.11 16.05
N GLU A 166 10.37 10.10 15.18
CA GLU A 166 11.53 9.24 15.13
C GLU A 166 12.33 9.29 13.87
N MET A 167 11.87 9.93 12.79
CA MET A 167 12.60 9.88 11.53
CA MET A 167 12.58 9.91 11.50
C MET A 167 12.76 11.28 10.96
N PRO A 168 13.84 11.52 10.20
CA PRO A 168 14.01 12.81 9.55
C PRO A 168 12.98 13.00 8.47
N PRO A 169 12.71 14.24 8.11
CA PRO A 169 11.71 14.51 7.10
C PRO A 169 12.06 14.03 5.73
N THR A 170 13.30 13.60 5.46
CA THR A 170 13.67 13.08 4.17
C THR A 170 13.65 11.54 4.16
N ASN A 171 13.35 10.89 5.30
CA ASN A 171 13.43 9.44 5.31
CA ASN A 171 13.40 9.43 5.31
C ASN A 171 12.43 8.86 4.26
N PRO A 172 12.84 7.94 3.36
CA PRO A 172 11.95 7.54 2.34
C PRO A 172 10.67 6.83 2.85
N ILE A 173 10.71 6.12 3.99
CA ILE A 173 9.52 5.49 4.50
C ILE A 173 8.57 6.61 4.92
N ARG A 174 9.06 7.60 5.67
CA ARG A 174 8.22 8.74 6.07
C ARG A 174 7.67 9.45 4.88
N LEU A 175 8.45 9.66 3.83
CA LEU A 175 7.92 10.30 2.64
C LEU A 175 6.88 9.49 1.92
N GLY A 176 7.11 8.18 1.77
CA GLY A 176 6.09 7.34 1.06
C GLY A 176 4.83 7.21 1.91
N LEU A 177 4.94 7.19 3.22
CA LEU A 177 3.75 7.20 4.09
C LEU A 177 2.97 8.47 3.84
N ALA A 178 3.62 9.64 3.87
CA ALA A 178 2.92 10.92 3.65
C ALA A 178 2.29 10.97 2.25
N LEU A 179 3.03 10.49 1.23
CA LEU A 179 2.46 10.44 -0.12
C LEU A 179 1.15 9.62 -0.09
N LEU A 180 1.23 8.43 0.48
CA LEU A 180 0.08 7.53 0.54
C LEU A 180 -1.08 8.14 1.30
N PHE A 181 -0.81 8.68 2.48
CA PHE A 181 -1.88 9.25 3.29
C PHE A 181 -2.47 10.42 2.62
N SER A 182 -1.69 11.23 1.91
CA SER A 182 -2.29 12.37 1.15
CA SER A 182 -2.25 12.35 1.22
C SER A 182 -3.23 11.87 0.13
N VAL A 183 -2.89 10.79 -0.55
CA VAL A 183 -3.84 10.19 -1.57
C VAL A 183 -5.06 9.62 -0.87
N PHE A 184 -4.94 9.01 0.31
CA PHE A 184 -6.09 8.60 1.11
C PHE A 184 -6.99 9.81 1.31
N HIS A 185 -6.43 10.95 1.75
CA HIS A 185 -7.33 12.11 1.97
C HIS A 185 -8.01 12.55 0.71
N TYR A 186 -7.33 12.57 -0.40
CA TYR A 186 -7.90 13.10 -1.65
C TYR A 186 -8.96 12.16 -2.20
N GLU A 187 -8.67 10.88 -2.24
CA GLU A 187 -9.47 9.90 -3.07
C GLU A 187 -10.44 9.22 -2.18
N ILE A 188 -10.20 8.95 -0.92
CA ILE A 188 -11.06 8.15 -0.03
C ILE A 188 -11.83 8.97 0.91
N ALA A 189 -11.17 9.91 1.60
CA ALA A 189 -11.84 10.66 2.69
C ALA A 189 -12.51 11.94 2.18
N ASN A 190 -12.50 12.21 0.92
CA ASN A 190 -13.15 13.41 0.34
C ASN A 190 -12.61 14.65 1.03
N SER A 191 -11.28 14.71 1.22
CA SER A 191 -10.62 15.83 1.98
C SER A 191 -9.52 16.35 1.09
N PRO A 192 -9.77 16.90 -0.08
CA PRO A 192 -8.70 17.37 -0.99
C PRO A 192 -7.87 18.46 -0.30
N GLU A 193 -8.43 19.37 0.49
CA GLU A 193 -7.55 20.38 1.09
C GLU A 193 -6.64 19.75 2.11
N GLU A 194 -7.00 18.70 2.85
CA GLU A 194 -6.08 18.02 3.76
C GLU A 194 -5.03 17.32 2.92
N ALA A 195 -5.37 16.73 1.82
CA ALA A 195 -4.37 16.09 0.94
C ALA A 195 -3.33 17.09 0.47
N ILE A 196 -3.78 18.24 -0.03
CA ILE A 196 -2.85 19.19 -0.64
C ILE A 196 -2.00 19.74 0.52
N SER A 197 -2.54 20.05 1.68
CA SER A 197 -1.75 20.54 2.83
CA SER A 197 -1.76 20.55 2.80
C SER A 197 -0.69 19.57 3.23
N LEU A 198 -1.04 18.29 3.31
CA LEU A 198 -0.07 17.30 3.77
C LEU A 198 0.97 17.15 2.69
N ALA A 199 0.66 17.11 1.41
CA ALA A 199 1.72 16.94 0.43
C ALA A 199 2.64 18.16 0.41
N LYS A 200 2.10 19.36 0.53
CA LYS A 200 2.94 20.60 0.52
C LYS A 200 3.81 20.63 1.73
N THR A 201 3.29 20.41 2.90
N THR A 201 3.31 20.41 2.94
CA THR A 201 4.09 20.47 4.11
CA THR A 201 4.18 20.50 4.14
C THR A 201 5.21 19.41 4.03
C THR A 201 5.23 19.37 4.14
N THR A 202 4.88 18.19 3.62
CA THR A 202 5.87 17.11 3.51
C THR A 202 6.93 17.50 2.54
N PHE A 203 6.57 18.03 1.37
CA PHE A 203 7.58 18.41 0.38
C PHE A 203 8.47 19.49 1.01
N ASP A 204 7.93 20.52 1.61
CA ASP A 204 8.78 21.66 2.04
C ASP A 204 9.67 21.22 3.18
N GLU A 205 9.25 20.35 4.06
CA GLU A 205 10.06 19.93 5.18
C GLU A 205 11.16 19.03 4.68
N ALA A 206 10.89 18.21 3.67
CA ALA A 206 11.95 17.42 3.13
C ALA A 206 12.97 18.31 2.38
N MET A 207 12.52 19.27 1.60
CA MET A 207 13.46 20.16 0.91
C MET A 207 14.48 20.75 1.85
N ALA A 208 13.99 21.23 2.97
CA ALA A 208 14.87 21.86 3.93
C ALA A 208 15.85 20.95 4.59
N ASP A 209 15.70 19.64 4.47
CA ASP A 209 16.60 18.67 5.12
C ASP A 209 17.47 17.95 4.03
N LEU A 210 17.32 18.23 2.74
CA LEU A 210 18.19 17.62 1.74
C LEU A 210 19.67 17.85 1.98
N HIS A 211 20.01 19.00 2.54
CA HIS A 211 21.43 19.35 2.68
C HIS A 211 22.17 18.43 3.56
N THR A 212 21.46 17.59 4.31
CA THR A 212 22.13 16.68 5.24
C THR A 212 22.45 15.36 4.59
N LEU A 213 22.05 15.12 3.38
CA LEU A 213 22.08 13.81 2.77
C LEU A 213 23.30 13.58 1.92
N SER A 214 23.71 12.34 1.86
CA SER A 214 24.62 11.89 0.81
C SER A 214 24.03 11.89 -0.57
N GLU A 215 24.82 11.75 -1.63
CA GLU A 215 24.28 11.75 -2.96
C GLU A 215 23.22 10.63 -3.15
N ASP A 216 23.50 9.44 -2.62
CA ASP A 216 22.56 8.37 -2.86
C ASP A 216 21.25 8.58 -2.06
N SER A 217 21.36 9.06 -0.82
CA SER A 217 20.14 9.34 -0.05
C SER A 217 19.34 10.48 -0.71
N TYR A 218 20.06 11.45 -1.28
CA TYR A 218 19.44 12.59 -1.98
CA TYR A 218 19.44 12.57 -1.99
C TYR A 218 18.62 12.07 -3.13
N LYS A 219 19.16 11.12 -3.88
CA LYS A 219 18.44 10.63 -5.03
C LYS A 219 17.18 9.85 -4.53
N ASP A 220 17.33 9.07 -3.47
CA ASP A 220 16.14 8.29 -2.94
C ASP A 220 15.05 9.29 -2.53
N SER A 221 15.41 10.32 -1.75
CA SER A 221 14.37 11.25 -1.23
C SER A 221 13.77 12.12 -2.32
N THR A 222 14.58 12.62 -3.25
CA THR A 222 14.06 13.50 -4.28
C THR A 222 13.13 12.74 -5.25
N LEU A 223 13.39 11.44 -5.41
CA LEU A 223 12.45 10.69 -6.29
C LEU A 223 11.04 10.74 -5.73
N ILE A 224 10.93 10.56 -4.41
CA ILE A 224 9.60 10.57 -3.78
C ILE A 224 9.04 11.93 -3.69
N MET A 225 9.90 12.95 -3.46
CA MET A 225 9.40 14.29 -3.48
C MET A 225 8.80 14.65 -4.81
N GLN A 226 9.34 14.13 -5.92
CA GLN A 226 8.78 14.46 -7.18
C GLN A 226 7.37 13.85 -7.35
N LEU A 227 7.10 12.70 -6.74
CA LEU A 227 5.75 12.17 -6.75
C LEU A 227 4.81 13.08 -5.97
N LEU A 228 5.23 13.64 -4.81
CA LEU A 228 4.39 14.56 -4.13
C LEU A 228 4.10 15.74 -5.03
N ARG A 229 5.14 16.29 -5.68
CA ARG A 229 4.92 17.45 -6.56
C ARG A 229 4.02 17.06 -7.73
N ASP A 230 4.16 15.86 -8.27
CA ASP A 230 3.29 15.48 -9.40
C ASP A 230 1.84 15.40 -8.92
N ASN A 231 1.57 14.89 -7.69
CA ASN A 231 0.20 14.89 -7.23
C ASN A 231 -0.26 16.28 -7.04
N LEU A 232 0.52 17.14 -6.43
CA LEU A 232 0.10 18.55 -6.25
C LEU A 232 -0.23 19.23 -7.58
N THR A 233 0.50 18.87 -8.62
CA THR A 233 0.21 19.43 -9.96
C THR A 233 -1.13 18.91 -10.49
N LEU A 234 -1.42 17.65 -10.23
CA LEU A 234 -2.68 17.04 -10.65
C LEU A 234 -3.87 17.51 -9.80
N TRP A 235 -3.58 18.01 -8.60
CA TRP A 235 -4.69 18.48 -7.68
C TRP A 235 -4.94 19.98 -7.60
N THR A 236 -4.00 20.80 -8.11
CA THR A 236 -4.11 22.25 -8.08
C THR A 236 -4.01 22.88 -9.48
N SER B 1 -3.50 9.28 -9.26
CA SER B 1 -2.57 9.83 -8.18
C SER B 1 -1.47 8.81 -7.95
N HIS B 2 -0.27 9.31 -7.68
CA HIS B 2 0.87 8.43 -7.38
C HIS B 2 0.93 7.97 -5.95
N TPO B 3 1.12 6.67 -5.77
CA TPO B 3 1.34 6.07 -4.52
CB TPO B 3 0.07 5.41 -3.95
CG2 TPO B 3 -1.07 6.33 -3.65
OG1 TPO B 3 -0.28 4.42 -4.96
P TPO B 3 -1.33 3.25 -4.65
O1P TPO B 3 -1.01 2.27 -5.81
O2P TPO B 3 -2.69 3.81 -4.73
O3P TPO B 3 -1.02 2.68 -3.33
C TPO B 3 2.53 5.09 -4.51
O TPO B 3 2.94 4.61 -5.64
N LEU B 4 3.12 4.76 -3.37
CA LEU B 4 4.25 3.83 -3.39
C LEU B 4 4.02 2.62 -2.47
N PRO B 5 4.63 1.46 -2.76
CA PRO B 5 5.51 1.19 -3.89
C PRO B 5 4.72 1.08 -5.19
N CYS B 6 5.44 1.04 -6.33
CA CYS B 6 4.71 0.96 -7.62
C CYS B 6 3.71 -0.20 -7.88
MG MG C . 14.98 -23.70 9.20
MG MG D . 10.96 -6.59 17.88
C1 GOL E . 9.17 -14.27 19.33
O1 GOL E . 10.27 -13.41 19.00
C2 GOL E . 9.62 -15.32 20.34
O2 GOL E . 11.04 -15.53 20.23
C3 GOL E . 9.26 -14.87 21.75
O3 GOL E . 9.87 -15.74 22.70
H11 GOL E . 8.35 -13.69 19.74
H12 GOL E . 8.82 -14.77 18.42
HO1 GOL E . 10.97 -13.91 18.57
H2 GOL E . 9.09 -16.26 20.12
HO2 GOL E . 11.50 -14.74 20.55
H31 GOL E . 9.62 -13.84 21.91
H32 GOL E . 8.18 -14.88 21.88
HO3 GOL E . 10.83 -15.66 22.64
#